data_6VIW
#
_entry.id   6VIW
#
_cell.length_a   141.520
_cell.length_b   141.520
_cell.length_c   134.760
_cell.angle_alpha   90.000
_cell.angle_beta   90.000
_cell.angle_gamma   120.000
#
_symmetry.space_group_name_H-M   'P 61 2 2'
#
loop_
_entity.id
_entity.type
_entity.pdbx_description
1 polymer 'Bromodomain-containing protein 4'
2 non-polymer 4-[2-(2,4-difluorophenoxy)-5-(methylsulfonyl)phenyl]-N-ethyl-6-methyl-7-oxo-6,7-dihydro-1H-pyrrolo[2,3-c]pyridine-2-carboxamide
3 water water
#
_entity_poly.entity_id   1
_entity_poly.type   'polypeptide(L)'
_entity_poly.pdbx_seq_one_letter_code
;GSHMKRQTNQLQYLLRVVLKTLWKHQFAWPFQQPVDAVKLNLPDYYKIIKTPMDMGTIKKRLENNYYWNAQECIQDFNTM
FTNCYIYNKPGDDIVLMAEALEKLFLQKINELPTEE
;
_entity_poly.pdbx_strand_id   A,B,C
#
loop_
_chem_comp.id
_chem_comp.type
_chem_comp.name
_chem_comp.formula
QYV non-polymer 4-[2-(2,4-difluorophenoxy)-5-(methylsulfonyl)phenyl]-N-ethyl-6-methyl-7-oxo-6,7-dihydro-1H-pyrrolo[2,3-c]pyridine-2-carboxamide 'C24 H21 F2 N3 O5 S'
#
# COMPACT_ATOMS: atom_id res chain seq x y z
N THR A 8 31.90 -11.05 16.84
CA THR A 8 31.25 -11.91 15.86
C THR A 8 30.69 -11.05 14.68
N ASN A 9 30.94 -11.41 13.38
CA ASN A 9 31.68 -12.52 12.77
C ASN A 9 30.72 -13.61 12.26
N GLN A 10 29.94 -14.22 13.15
CA GLN A 10 28.89 -15.15 12.80
C GLN A 10 27.69 -14.34 12.26
N LEU A 11 27.43 -13.14 12.80
CA LEU A 11 26.38 -12.24 12.33
C LEU A 11 26.75 -11.69 10.93
N GLN A 12 28.06 -11.51 10.64
CA GLN A 12 28.55 -11.11 9.34
C GLN A 12 28.26 -12.16 8.31
N TYR A 13 28.49 -13.43 8.65
CA TYR A 13 28.23 -14.59 7.80
C TYR A 13 26.76 -14.68 7.49
N LEU A 14 25.89 -14.44 8.48
CA LEU A 14 24.45 -14.48 8.27
C LEU A 14 23.99 -13.43 7.29
N LEU A 15 24.60 -12.24 7.33
CA LEU A 15 24.24 -11.16 6.41
C LEU A 15 24.86 -11.38 4.99
N ARG A 16 26.19 -11.53 4.93
CA ARG A 16 26.93 -11.63 3.68
C ARG A 16 26.77 -12.93 2.93
N VAL A 17 26.52 -14.04 3.65
CA VAL A 17 26.44 -15.34 3.03
C VAL A 17 25.02 -15.95 3.08
N VAL A 18 24.47 -16.22 4.25
CA VAL A 18 23.17 -16.87 4.37
C VAL A 18 22.01 -16.05 3.77
N LEU A 19 21.82 -14.80 4.23
CA LEU A 19 20.73 -13.95 3.74
C LEU A 19 20.89 -13.66 2.25
N LYS A 20 22.11 -13.36 1.82
CA LYS A 20 22.40 -13.07 0.42
C LYS A 20 22.03 -14.23 -0.51
N THR A 21 22.35 -15.46 -0.10
CA THR A 21 22.04 -16.68 -0.85
C THR A 21 20.55 -16.92 -0.92
N LEU A 22 19.84 -16.80 0.21
CA LEU A 22 18.41 -17.04 0.26
C LEU A 22 17.65 -15.96 -0.49
N TRP A 23 18.09 -14.71 -0.39
CA TRP A 23 17.43 -13.57 -1.01
C TRP A 23 17.41 -13.63 -2.54
N LYS A 24 18.51 -14.09 -3.14
CA LYS A 24 18.62 -14.18 -4.60
C LYS A 24 17.83 -15.37 -5.19
N HIS A 25 17.46 -16.36 -4.37
CA HIS A 25 16.76 -17.55 -4.81
C HIS A 25 15.43 -17.23 -5.46
N GLN A 26 15.06 -18.06 -6.41
CA GLN A 26 13.86 -18.02 -7.23
C GLN A 26 12.56 -17.94 -6.40
N PHE A 27 12.53 -18.66 -5.27
CA PHE A 27 11.38 -18.74 -4.38
C PHE A 27 11.37 -17.74 -3.21
N ALA A 28 12.34 -16.82 -3.17
CA ALA A 28 12.46 -15.89 -2.07
C ALA A 28 11.45 -14.78 -2.03
N TRP A 29 11.00 -14.29 -3.21
CA TRP A 29 10.14 -13.11 -3.30
C TRP A 29 8.91 -13.13 -2.36
N PRO A 30 8.14 -14.22 -2.10
CA PRO A 30 6.99 -14.09 -1.17
C PRO A 30 7.38 -13.92 0.32
N PHE A 31 8.68 -14.09 0.62
CA PHE A 31 9.25 -14.00 1.96
C PHE A 31 10.12 -12.76 2.16
N GLN A 32 10.23 -11.86 1.16
CA GLN A 32 11.07 -10.66 1.29
C GLN A 32 10.42 -9.48 2.02
N GLN A 33 9.16 -9.62 2.40
CA GLN A 33 8.42 -8.58 3.10
C GLN A 33 7.33 -9.26 3.93
N PRO A 34 6.78 -8.63 4.97
CA PRO A 34 5.71 -9.28 5.76
C PRO A 34 4.52 -9.72 4.91
N VAL A 35 3.78 -10.77 5.33
CA VAL A 35 2.58 -11.23 4.64
C VAL A 35 1.55 -10.11 4.66
N ASP A 36 1.05 -9.68 3.48
CA ASP A 36 0.03 -8.64 3.45
C ASP A 36 -1.29 -9.37 3.38
N ALA A 37 -1.91 -9.52 4.52
CA ALA A 37 -3.17 -10.24 4.70
C ALA A 37 -4.39 -9.56 4.01
N VAL A 38 -4.37 -8.23 3.87
CA VAL A 38 -5.46 -7.51 3.21
C VAL A 38 -5.42 -7.77 1.69
N LYS A 39 -4.24 -7.59 1.10
CA LYS A 39 -3.95 -7.76 -0.30
C LYS A 39 -4.14 -9.23 -0.74
N LEU A 40 -3.83 -10.20 0.14
CA LEU A 40 -3.97 -11.60 -0.20
C LEU A 40 -5.28 -12.24 0.23
N ASN A 41 -6.16 -11.49 0.91
CA ASN A 41 -7.44 -11.97 1.43
C ASN A 41 -7.28 -13.17 2.40
N LEU A 42 -6.47 -12.98 3.46
CA LEU A 42 -6.22 -13.98 4.50
C LEU A 42 -6.54 -13.23 5.79
N PRO A 43 -7.84 -13.06 6.13
CA PRO A 43 -8.20 -12.24 7.31
C PRO A 43 -7.93 -12.87 8.68
N ASP A 44 -7.66 -14.17 8.69
CA ASP A 44 -7.34 -14.95 9.88
C ASP A 44 -5.82 -15.11 10.08
N TYR A 45 -4.96 -14.71 9.10
CA TYR A 45 -3.52 -14.84 9.20
C TYR A 45 -2.95 -14.31 10.50
N TYR A 46 -3.28 -13.05 10.83
CA TYR A 46 -2.73 -12.41 12.01
C TYR A 46 -3.39 -12.86 13.33
N LYS A 47 -4.48 -13.63 13.26
CA LYS A 47 -5.12 -14.21 14.43
C LYS A 47 -4.37 -15.51 14.81
N ILE A 48 -4.01 -16.31 13.80
CA ILE A 48 -3.27 -17.56 13.94
C ILE A 48 -1.75 -17.34 14.19
N ILE A 49 -1.10 -16.49 13.39
CA ILE A 49 0.34 -16.19 13.46
C ILE A 49 0.62 -14.99 14.36
N LYS A 50 1.12 -15.27 15.58
CA LYS A 50 1.38 -14.19 16.53
C LYS A 50 2.77 -13.62 16.47
N THR A 51 3.71 -14.32 15.83
CA THR A 51 5.06 -13.78 15.65
C THR A 51 5.39 -13.81 14.15
N PRO A 52 4.83 -12.88 13.35
CA PRO A 52 5.16 -12.87 11.92
C PRO A 52 6.64 -12.59 11.70
N MET A 53 7.22 -13.22 10.67
CA MET A 53 8.63 -13.04 10.35
C MET A 53 8.84 -13.22 8.85
N ASP A 54 9.81 -12.46 8.31
CA ASP A 54 10.16 -12.44 6.90
C ASP A 54 11.62 -11.99 6.75
N MET A 55 12.20 -12.22 5.57
CA MET A 55 13.58 -11.87 5.27
C MET A 55 13.85 -10.38 5.17
N GLY A 56 12.82 -9.58 4.91
CA GLY A 56 12.95 -8.13 4.90
C GLY A 56 13.23 -7.61 6.30
N THR A 57 12.46 -8.14 7.29
CA THR A 57 12.63 -7.81 8.71
C THR A 57 14.00 -8.34 9.22
N ILE A 58 14.38 -9.59 8.86
CA ILE A 58 15.68 -10.14 9.25
C ILE A 58 16.83 -9.25 8.74
N LYS A 59 16.76 -8.85 7.46
CA LYS A 59 17.73 -7.99 6.80
C LYS A 59 17.87 -6.65 7.53
N LYS A 60 16.74 -6.03 7.88
CA LYS A 60 16.73 -4.78 8.63
C LYS A 60 17.33 -4.97 10.03
N ARG A 61 17.02 -6.09 10.71
CA ARG A 61 17.62 -6.39 12.02
C ARG A 61 19.14 -6.63 11.93
N LEU A 62 19.63 -7.27 10.86
CA LEU A 62 21.08 -7.48 10.71
C LEU A 62 21.81 -6.16 10.43
N GLU A 63 21.17 -5.28 9.67
CA GLU A 63 21.72 -3.97 9.29
C GLU A 63 21.68 -2.96 10.41
N ASN A 64 20.70 -3.07 11.32
CA ASN A 64 20.54 -2.08 12.36
C ASN A 64 20.83 -2.56 13.78
N ASN A 65 21.76 -3.52 13.93
CA ASN A 65 22.27 -4.04 15.21
C ASN A 65 21.20 -4.58 16.18
N TYR A 66 20.09 -5.12 15.68
CA TYR A 66 19.02 -5.58 16.58
C TYR A 66 19.41 -6.79 17.40
N TYR A 67 20.02 -7.79 16.78
CA TYR A 67 20.32 -9.06 17.39
C TYR A 67 21.34 -9.07 18.53
N TRP A 68 20.99 -9.80 19.61
CA TRP A 68 21.87 -10.07 20.74
C TRP A 68 23.08 -10.91 20.24
N ASN A 69 22.82 -11.85 19.32
CA ASN A 69 23.81 -12.74 18.72
C ASN A 69 23.20 -13.43 17.47
N ALA A 70 23.99 -14.29 16.79
CA ALA A 70 23.60 -15.06 15.60
C ALA A 70 22.48 -16.06 15.85
N GLN A 71 22.40 -16.62 17.07
CA GLN A 71 21.36 -17.58 17.41
C GLN A 71 19.99 -16.95 17.41
N GLU A 72 19.90 -15.68 17.80
CA GLU A 72 18.64 -14.95 17.74
C GLU A 72 18.19 -14.70 16.28
N CYS A 73 19.17 -14.54 15.35
CA CYS A 73 18.87 -14.38 13.94
C CYS A 73 18.39 -15.70 13.36
N ILE A 74 19.08 -16.83 13.68
CA ILE A 74 18.70 -18.17 13.27
C ILE A 74 17.26 -18.47 13.74
N GLN A 75 16.89 -18.09 14.99
CA GLN A 75 15.53 -18.26 15.52
C GLN A 75 14.50 -17.54 14.61
N ASP A 76 14.81 -16.30 14.15
CA ASP A 76 13.95 -15.56 13.23
C ASP A 76 13.73 -16.31 11.91
N PHE A 77 14.80 -16.87 11.30
CA PHE A 77 14.68 -17.64 10.06
C PHE A 77 13.76 -18.85 10.27
N ASN A 78 13.91 -19.56 11.39
CA ASN A 78 13.09 -20.71 11.74
C ASN A 78 11.65 -20.35 11.97
N THR A 79 11.39 -19.21 12.64
CA THR A 79 10.04 -18.71 12.86
C THR A 79 9.38 -18.41 11.51
N MET A 80 10.12 -17.83 10.57
CA MET A 80 9.59 -17.55 9.23
C MET A 80 9.10 -18.85 8.57
N PHE A 81 9.94 -19.90 8.58
CA PHE A 81 9.60 -21.19 7.99
C PHE A 81 8.42 -21.86 8.67
N THR A 82 8.41 -21.97 10.01
CA THR A 82 7.34 -22.65 10.73
C THR A 82 6.06 -21.87 10.70
N ASN A 83 6.09 -20.53 10.61
CA ASN A 83 4.84 -19.75 10.47
C ASN A 83 4.11 -20.18 9.17
N CYS A 84 4.89 -20.48 8.12
CA CYS A 84 4.40 -20.94 6.83
C CYS A 84 3.75 -22.30 6.98
N TYR A 85 4.42 -23.22 7.69
CA TYR A 85 3.91 -24.57 7.94
C TYR A 85 2.66 -24.57 8.84
N ILE A 86 2.58 -23.64 9.81
CA ILE A 86 1.44 -23.51 10.69
C ILE A 86 0.22 -23.01 9.89
N TYR A 87 0.34 -21.87 9.18
CA TYR A 87 -0.79 -21.27 8.48
C TYR A 87 -1.29 -22.09 7.26
N ASN A 88 -0.38 -22.60 6.44
CA ASN A 88 -0.75 -23.24 5.19
C ASN A 88 -0.87 -24.76 5.28
N LYS A 89 -1.50 -25.39 4.27
CA LYS A 89 -1.65 -26.85 4.22
C LYS A 89 -0.39 -27.47 3.63
N PRO A 90 -0.03 -28.71 4.03
CA PRO A 90 1.11 -29.37 3.37
C PRO A 90 0.80 -29.59 1.89
N GLY A 91 1.83 -29.47 1.06
CA GLY A 91 1.65 -29.64 -0.37
C GLY A 91 1.42 -28.34 -1.11
N ASP A 92 0.91 -27.29 -0.42
CA ASP A 92 0.68 -25.95 -1.02
C ASP A 92 1.97 -25.41 -1.65
N ASP A 93 1.86 -24.63 -2.72
CA ASP A 93 3.03 -24.06 -3.40
C ASP A 93 3.92 -23.24 -2.45
N ILE A 94 3.31 -22.38 -1.61
CA ILE A 94 4.06 -21.56 -0.66
C ILE A 94 4.84 -22.45 0.33
N VAL A 95 4.27 -23.60 0.71
CA VAL A 95 4.94 -24.56 1.59
C VAL A 95 6.14 -25.20 0.91
N LEU A 96 6.02 -25.57 -0.38
CA LEU A 96 7.12 -26.13 -1.14
C LEU A 96 8.23 -25.09 -1.36
N MET A 97 7.88 -23.81 -1.50
CA MET A 97 8.85 -22.74 -1.67
C MET A 97 9.61 -22.54 -0.36
N ALA A 98 8.89 -22.57 0.80
CA ALA A 98 9.50 -22.45 2.13
C ALA A 98 10.40 -23.66 2.40
N GLU A 99 9.97 -24.86 2.01
CA GLU A 99 10.79 -26.07 2.19
C GLU A 99 12.10 -26.02 1.43
N ALA A 100 12.09 -25.48 0.20
CA ALA A 100 13.29 -25.36 -0.59
C ALA A 100 14.23 -24.34 0.03
N LEU A 101 13.69 -23.22 0.55
CA LEU A 101 14.49 -22.21 1.19
C LEU A 101 15.10 -22.74 2.49
N GLU A 102 14.33 -23.51 3.24
CA GLU A 102 14.78 -24.09 4.49
C GLU A 102 15.92 -25.05 4.29
N LYS A 103 15.83 -25.88 3.22
CA LYS A 103 16.89 -26.84 2.90
C LYS A 103 18.19 -26.09 2.58
N LEU A 104 18.09 -25.03 1.78
CA LEU A 104 19.26 -24.23 1.44
C LEU A 104 19.83 -23.50 2.68
N PHE A 105 18.95 -22.98 3.54
CA PHE A 105 19.31 -22.33 4.79
C PHE A 105 20.12 -23.30 5.69
N LEU A 106 19.63 -24.54 5.86
CA LEU A 106 20.31 -25.55 6.69
C LEU A 106 21.69 -25.92 6.15
N GLN A 107 21.86 -25.90 4.83
CA GLN A 107 23.15 -26.14 4.21
C GLN A 107 24.12 -25.00 4.58
N LYS A 108 23.72 -23.72 4.36
CA LYS A 108 24.60 -22.59 4.65
C LYS A 108 24.92 -22.46 6.13
N ILE A 109 23.94 -22.73 6.99
CA ILE A 109 24.08 -22.66 8.44
C ILE A 109 24.99 -23.77 9.00
N ASN A 110 25.12 -24.88 8.28
CA ASN A 110 26.02 -25.96 8.68
C ASN A 110 27.49 -25.51 8.61
N GLU A 111 27.83 -24.58 7.68
CA GLU A 111 29.17 -24.02 7.55
C GLU A 111 29.37 -22.70 8.32
N LEU A 112 28.53 -22.44 9.34
CA LEU A 112 28.60 -21.22 10.14
C LEU A 112 29.87 -21.24 11.01
N PRO A 113 30.66 -20.15 10.97
CA PRO A 113 31.91 -20.12 11.76
C PRO A 113 31.72 -20.14 13.28
N GLN B 7 -12.09 12.36 -21.38
CA GLN B 7 -11.27 13.40 -20.77
C GLN B 7 -11.98 14.09 -19.56
N THR B 8 -11.18 14.44 -18.52
CA THR B 8 -11.41 15.12 -17.23
C THR B 8 -12.50 14.44 -16.34
N ASN B 9 -13.77 14.41 -16.75
CA ASN B 9 -14.81 13.74 -15.97
C ASN B 9 -14.60 12.21 -16.05
N GLN B 10 -14.19 11.72 -17.23
CA GLN B 10 -13.93 10.30 -17.45
C GLN B 10 -12.64 9.89 -16.73
N LEU B 11 -11.62 10.76 -16.69
CA LEU B 11 -10.38 10.52 -15.95
C LEU B 11 -10.64 10.39 -14.44
N GLN B 12 -11.57 11.20 -13.90
CA GLN B 12 -11.96 11.15 -12.49
C GLN B 12 -12.70 9.82 -12.18
N TYR B 13 -13.53 9.34 -13.10
CA TYR B 13 -14.23 8.07 -12.97
C TYR B 13 -13.21 6.92 -13.04
N LEU B 14 -12.21 7.04 -13.92
CA LEU B 14 -11.16 6.04 -14.06
C LEU B 14 -10.39 5.86 -12.75
N LEU B 15 -10.19 6.95 -11.99
CA LEU B 15 -9.48 6.91 -10.74
C LEU B 15 -10.35 6.44 -9.58
N ARG B 16 -11.48 7.14 -9.33
CA ARG B 16 -12.38 6.84 -8.22
C ARG B 16 -13.18 5.56 -8.35
N VAL B 17 -13.50 5.15 -9.57
CA VAL B 17 -14.36 3.99 -9.78
C VAL B 17 -13.64 2.81 -10.41
N VAL B 18 -13.06 2.97 -11.62
CA VAL B 18 -12.44 1.84 -12.32
C VAL B 18 -11.23 1.28 -11.60
N LEU B 19 -10.24 2.13 -11.32
CA LEU B 19 -9.01 1.71 -10.66
C LEU B 19 -9.29 1.22 -9.25
N LYS B 20 -10.18 1.91 -8.52
CA LYS B 20 -10.53 1.51 -7.16
C LYS B 20 -11.12 0.11 -7.11
N THR B 21 -12.04 -0.22 -8.05
CA THR B 21 -12.67 -1.54 -8.14
C THR B 21 -11.67 -2.65 -8.49
N LEU B 22 -10.80 -2.40 -9.46
CA LEU B 22 -9.79 -3.37 -9.88
C LEU B 22 -8.73 -3.57 -8.81
N TRP B 23 -8.27 -2.49 -8.17
CA TRP B 23 -7.23 -2.52 -7.13
C TRP B 23 -7.62 -3.39 -5.92
N LYS B 24 -8.89 -3.34 -5.50
CA LYS B 24 -9.34 -4.13 -4.35
C LYS B 24 -9.66 -5.59 -4.70
N HIS B 25 -9.71 -5.95 -5.98
CA HIS B 25 -9.98 -7.31 -6.42
C HIS B 25 -8.92 -8.29 -5.90
N GLN B 26 -9.35 -9.52 -5.66
CA GLN B 26 -8.55 -10.62 -5.15
C GLN B 26 -7.29 -10.91 -5.98
N PHE B 27 -7.40 -10.75 -7.31
CA PHE B 27 -6.31 -11.05 -8.24
C PHE B 27 -5.45 -9.86 -8.63
N ALA B 28 -5.67 -8.69 -8.02
CA ALA B 28 -4.98 -7.47 -8.37
C ALA B 28 -3.53 -7.36 -7.94
N TRP B 29 -3.15 -7.97 -6.82
CA TRP B 29 -1.84 -7.80 -6.21
C TRP B 29 -0.67 -8.03 -7.15
N PRO B 30 -0.61 -9.00 -8.11
CA PRO B 30 0.59 -9.09 -9.00
C PRO B 30 0.68 -7.97 -10.05
N PHE B 31 -0.39 -7.18 -10.18
CA PHE B 31 -0.52 -6.08 -11.12
C PHE B 31 -0.43 -4.70 -10.47
N GLN B 32 -0.21 -4.60 -9.15
CA GLN B 32 -0.15 -3.32 -8.46
C GLN B 32 1.22 -2.63 -8.51
N GLN B 33 2.20 -3.25 -9.16
CA GLN B 33 3.55 -2.67 -9.26
C GLN B 33 4.25 -3.23 -10.49
N PRO B 34 5.30 -2.56 -11.03
CA PRO B 34 5.99 -3.13 -12.20
C PRO B 34 6.50 -4.55 -11.96
N VAL B 35 6.56 -5.38 -13.02
CA VAL B 35 7.06 -6.75 -12.96
C VAL B 35 8.54 -6.64 -12.64
N ASP B 36 8.99 -7.25 -11.54
CA ASP B 36 10.41 -7.21 -11.21
C ASP B 36 11.02 -8.46 -11.84
N ALA B 37 11.61 -8.31 -13.04
CA ALA B 37 12.17 -9.44 -13.78
C ALA B 37 13.35 -10.20 -13.08
N VAL B 38 14.13 -9.50 -12.25
CA VAL B 38 15.24 -10.12 -11.53
C VAL B 38 14.73 -10.96 -10.34
N LYS B 39 13.85 -10.37 -9.55
CA LYS B 39 13.21 -10.97 -8.38
C LYS B 39 12.36 -12.19 -8.80
N LEU B 40 11.68 -12.09 -9.95
CA LEU B 40 10.85 -13.19 -10.43
C LEU B 40 11.59 -14.20 -11.32
N ASN B 41 12.88 -13.93 -11.65
CA ASN B 41 13.69 -14.80 -12.51
C ASN B 41 12.99 -14.94 -13.89
N LEU B 42 12.49 -13.82 -14.42
CA LEU B 42 11.81 -13.80 -15.69
C LEU B 42 12.78 -13.55 -16.83
N PRO B 43 13.03 -14.62 -17.63
CA PRO B 43 14.00 -14.48 -18.73
C PRO B 43 13.47 -13.62 -19.89
N ASP B 44 14.25 -12.58 -20.21
CA ASP B 44 13.98 -11.68 -21.31
C ASP B 44 12.67 -10.93 -21.22
N TYR B 45 12.11 -10.73 -20.00
CA TYR B 45 10.86 -9.97 -19.84
C TYR B 45 10.91 -8.59 -20.49
N TYR B 46 11.98 -7.83 -20.22
CA TYR B 46 12.16 -6.48 -20.73
C TYR B 46 12.64 -6.44 -22.20
N LYS B 47 12.97 -7.59 -22.79
CA LYS B 47 13.33 -7.69 -24.19
C LYS B 47 12.02 -7.84 -24.97
N ILE B 48 11.18 -8.81 -24.56
CA ILE B 48 9.90 -9.14 -25.16
C ILE B 48 8.84 -8.04 -24.95
N ILE B 49 8.75 -7.48 -23.73
CA ILE B 49 7.78 -6.45 -23.38
C ILE B 49 8.41 -5.06 -23.52
N LYS B 50 8.06 -4.35 -24.60
CA LYS B 50 8.62 -3.04 -24.91
C LYS B 50 7.97 -1.92 -24.11
N THR B 51 6.71 -2.08 -23.72
CA THR B 51 6.02 -1.05 -22.94
C THR B 51 5.43 -1.67 -21.70
N PRO B 52 6.25 -1.90 -20.67
CA PRO B 52 5.70 -2.47 -19.42
C PRO B 52 4.66 -1.54 -18.80
N MET B 53 3.59 -2.13 -18.22
CA MET B 53 2.56 -1.34 -17.59
C MET B 53 1.93 -2.11 -16.46
N ASP B 54 1.47 -1.39 -15.44
CA ASP B 54 0.87 -1.99 -14.26
C ASP B 54 -0.10 -0.95 -13.64
N MET B 55 -0.93 -1.38 -12.70
CA MET B 55 -1.88 -0.50 -12.05
C MET B 55 -1.25 0.52 -11.10
N GLY B 56 -0.06 0.23 -10.59
CA GLY B 56 0.64 1.17 -9.72
C GLY B 56 1.06 2.38 -10.48
N THR B 57 1.56 2.19 -11.70
CA THR B 57 1.96 3.24 -12.63
C THR B 57 0.71 4.00 -13.13
N ILE B 58 -0.39 3.29 -13.45
CA ILE B 58 -1.62 3.95 -13.89
C ILE B 58 -2.15 4.86 -12.76
N LYS B 59 -2.15 4.35 -11.52
CA LYS B 59 -2.58 5.10 -10.34
C LYS B 59 -1.73 6.37 -10.17
N LYS B 60 -0.40 6.25 -10.24
CA LYS B 60 0.48 7.41 -10.13
C LYS B 60 0.21 8.40 -11.28
N ARG B 61 -0.03 7.92 -12.51
CA ARG B 61 -0.31 8.79 -13.66
C ARG B 61 -1.64 9.54 -13.52
N LEU B 62 -2.70 8.86 -12.98
CA LEU B 62 -4.00 9.48 -12.71
C LEU B 62 -3.88 10.51 -11.58
N GLU B 63 -3.08 10.21 -10.56
CA GLU B 63 -2.91 11.12 -9.42
C GLU B 63 -2.00 12.29 -9.71
N ASN B 64 -1.15 12.21 -10.76
CA ASN B 64 -0.17 13.27 -10.98
C ASN B 64 -0.24 13.94 -12.34
N ASN B 65 -1.45 13.97 -12.91
CA ASN B 65 -1.79 14.72 -14.11
C ASN B 65 -1.01 14.35 -15.34
N TYR B 66 -0.64 13.09 -15.50
CA TYR B 66 0.11 12.65 -16.66
C TYR B 66 -0.73 12.61 -17.95
N TYR B 67 -1.91 12.01 -17.88
CA TYR B 67 -2.74 11.76 -19.03
C TYR B 67 -3.29 12.98 -19.75
N TRP B 68 -3.13 13.01 -21.09
CA TRP B 68 -3.71 14.00 -21.98
C TRP B 68 -5.22 13.81 -21.97
N ASN B 69 -5.71 12.53 -21.91
CA ASN B 69 -7.14 12.20 -21.93
C ASN B 69 -7.44 10.80 -21.36
N ALA B 70 -8.73 10.47 -21.19
CA ALA B 70 -9.19 9.17 -20.70
C ALA B 70 -8.74 8.01 -21.58
N GLN B 71 -8.65 8.24 -22.90
CA GLN B 71 -8.24 7.20 -23.83
C GLN B 71 -6.80 6.74 -23.62
N GLU B 72 -5.90 7.67 -23.29
CA GLU B 72 -4.50 7.36 -23.04
C GLU B 72 -4.40 6.42 -21.80
N CYS B 73 -5.29 6.62 -20.80
CA CYS B 73 -5.36 5.82 -19.60
C CYS B 73 -5.90 4.42 -19.92
N ILE B 74 -7.02 4.35 -20.67
CA ILE B 74 -7.62 3.09 -21.12
C ILE B 74 -6.60 2.28 -21.93
N GLN B 75 -5.74 2.93 -22.75
CA GLN B 75 -4.70 2.20 -23.48
C GLN B 75 -3.66 1.56 -22.53
N ASP B 76 -3.34 2.23 -21.40
CA ASP B 76 -2.39 1.69 -20.44
C ASP B 76 -2.97 0.44 -19.79
N PHE B 77 -4.26 0.42 -19.44
CA PHE B 77 -4.88 -0.79 -18.88
C PHE B 77 -4.83 -1.93 -19.89
N ASN B 78 -5.14 -1.65 -21.16
CA ASN B 78 -5.12 -2.67 -22.20
C ASN B 78 -3.71 -3.20 -22.43
N THR B 79 -2.70 -2.30 -22.40
CA THR B 79 -1.30 -2.67 -22.56
C THR B 79 -0.89 -3.62 -21.42
N MET B 80 -1.32 -3.33 -20.18
CA MET B 80 -1.04 -4.21 -19.05
C MET B 80 -1.55 -5.64 -19.30
N PHE B 81 -2.80 -5.75 -19.75
CA PHE B 81 -3.42 -7.05 -20.02
C PHE B 81 -2.73 -7.80 -21.15
N THR B 82 -2.50 -7.15 -22.32
CA THR B 82 -1.88 -7.84 -23.45
C THR B 82 -0.41 -8.13 -23.20
N ASN B 83 0.31 -7.30 -22.40
CA ASN B 83 1.71 -7.62 -22.03
C ASN B 83 1.74 -8.96 -21.26
N CYS B 84 0.73 -9.20 -20.43
CA CYS B 84 0.62 -10.43 -19.68
C CYS B 84 0.37 -11.60 -20.63
N TYR B 85 -0.48 -11.41 -21.64
CA TYR B 85 -0.81 -12.47 -22.61
C TYR B 85 0.36 -12.73 -23.55
N ILE B 86 1.16 -11.69 -23.87
CA ILE B 86 2.31 -11.85 -24.72
C ILE B 86 3.40 -12.62 -23.99
N TYR B 87 3.80 -12.14 -22.80
CA TYR B 87 4.90 -12.79 -22.08
C TYR B 87 4.58 -14.21 -21.57
N ASN B 88 3.38 -14.45 -21.10
CA ASN B 88 3.02 -15.73 -20.49
C ASN B 88 2.28 -16.67 -21.46
N LYS B 89 2.00 -17.89 -21.04
CA LYS B 89 1.35 -18.89 -21.87
C LYS B 89 -0.12 -18.98 -21.51
N PRO B 90 -1.00 -19.41 -22.44
CA PRO B 90 -2.42 -19.57 -22.07
C PRO B 90 -2.57 -20.65 -21.00
N GLY B 91 -3.51 -20.43 -20.09
CA GLY B 91 -3.73 -21.39 -19.01
C GLY B 91 -2.91 -21.12 -17.77
N ASP B 92 -1.84 -20.28 -17.89
CA ASP B 92 -1.01 -19.90 -16.74
C ASP B 92 -1.88 -19.20 -15.68
N ASP B 93 -1.50 -19.31 -14.39
CA ASP B 93 -2.26 -18.70 -13.31
C ASP B 93 -2.33 -17.19 -13.47
N ILE B 94 -1.19 -16.54 -13.77
CA ILE B 94 -1.14 -15.09 -13.98
C ILE B 94 -2.04 -14.64 -15.15
N VAL B 95 -2.19 -15.48 -16.21
CA VAL B 95 -3.06 -15.18 -17.36
C VAL B 95 -4.54 -15.27 -16.96
N LEU B 96 -4.88 -16.25 -16.11
CA LEU B 96 -6.26 -16.38 -15.61
C LEU B 96 -6.64 -15.21 -14.68
N MET B 97 -5.65 -14.68 -13.95
CA MET B 97 -5.89 -13.54 -13.07
C MET B 97 -6.09 -12.28 -13.91
N ALA B 98 -5.24 -12.07 -14.95
CA ALA B 98 -5.38 -10.93 -15.86
C ALA B 98 -6.72 -10.99 -16.60
N GLU B 99 -7.17 -12.18 -17.01
CA GLU B 99 -8.45 -12.33 -17.72
C GLU B 99 -9.64 -11.91 -16.87
N ALA B 100 -9.61 -12.26 -15.57
CA ALA B 100 -10.67 -11.89 -14.64
C ALA B 100 -10.69 -10.37 -14.47
N LEU B 101 -9.49 -9.75 -14.34
CA LEU B 101 -9.38 -8.31 -14.19
C LEU B 101 -9.86 -7.61 -15.47
N GLU B 102 -9.52 -8.15 -16.64
CA GLU B 102 -9.92 -7.55 -17.91
C GLU B 102 -11.43 -7.57 -18.09
N LYS B 103 -12.08 -8.68 -17.72
CA LYS B 103 -13.53 -8.83 -17.79
C LYS B 103 -14.21 -7.78 -16.90
N LEU B 104 -13.71 -7.61 -15.67
CA LEU B 104 -14.21 -6.61 -14.72
C LEU B 104 -13.95 -5.19 -15.25
N PHE B 105 -12.78 -4.96 -15.84
CA PHE B 105 -12.41 -3.67 -16.41
C PHE B 105 -13.37 -3.27 -17.55
N LEU B 106 -13.66 -4.20 -18.47
CA LEU B 106 -14.58 -3.92 -19.58
C LEU B 106 -15.99 -3.62 -19.10
N GLN B 107 -16.43 -4.27 -17.99
CA GLN B 107 -17.73 -3.99 -17.38
C GLN B 107 -17.76 -2.56 -16.85
N LYS B 108 -16.73 -2.14 -16.07
CA LYS B 108 -16.72 -0.78 -15.52
C LYS B 108 -16.58 0.28 -16.59
N ILE B 109 -15.84 -0.01 -17.65
CA ILE B 109 -15.61 0.92 -18.75
C ILE B 109 -16.88 1.09 -19.61
N ASN B 110 -17.84 0.13 -19.56
CA ASN B 110 -19.11 0.24 -20.27
C ASN B 110 -19.97 1.37 -19.65
N GLU B 111 -19.82 1.63 -18.33
CA GLU B 111 -20.55 2.69 -17.63
C GLU B 111 -19.77 4.00 -17.53
N LEU B 112 -18.77 4.21 -18.41
CA LEU B 112 -17.95 5.43 -18.40
C LEU B 112 -18.78 6.62 -18.85
N PRO B 113 -18.77 7.73 -18.08
CA PRO B 113 -19.54 8.91 -18.49
C PRO B 113 -19.05 9.56 -19.78
N THR C 8 -13.01 23.19 -10.52
CA THR C 8 -11.56 23.22 -10.30
C THR C 8 -11.11 24.52 -9.65
N ASN C 9 -11.77 25.66 -9.94
CA ASN C 9 -11.41 26.97 -9.34
C ASN C 9 -11.62 26.91 -7.82
N GLN C 10 -12.73 26.29 -7.37
CA GLN C 10 -13.02 26.16 -5.94
C GLN C 10 -12.05 25.19 -5.26
N LEU C 11 -11.77 24.04 -5.92
CA LEU C 11 -10.82 23.06 -5.39
C LEU C 11 -9.40 23.65 -5.32
N GLN C 12 -9.04 24.49 -6.29
CA GLN C 12 -7.76 25.19 -6.37
C GLN C 12 -7.64 26.22 -5.23
N TYR C 13 -8.73 26.98 -4.98
CA TYR C 13 -8.80 27.95 -3.88
C TYR C 13 -8.69 27.20 -2.53
N LEU C 14 -9.32 26.02 -2.42
CA LEU C 14 -9.24 25.18 -1.22
C LEU C 14 -7.80 24.74 -0.92
N LEU C 15 -7.01 24.44 -1.95
CA LEU C 15 -5.62 24.01 -1.76
C LEU C 15 -4.70 25.20 -1.50
N ARG C 16 -4.72 26.20 -2.40
CA ARG C 16 -3.83 27.36 -2.34
C ARG C 16 -4.16 28.38 -1.24
N VAL C 17 -5.45 28.52 -0.90
CA VAL C 17 -5.85 29.54 0.08
C VAL C 17 -6.35 28.94 1.39
N VAL C 18 -7.42 28.14 1.37
CA VAL C 18 -7.99 27.58 2.60
C VAL C 18 -7.03 26.66 3.38
N LEU C 19 -6.56 25.56 2.75
CA LEU C 19 -5.67 24.62 3.42
C LEU C 19 -4.35 25.28 3.80
N LYS C 20 -3.80 26.13 2.93
CA LYS C 20 -2.52 26.81 3.20
C LYS C 20 -2.61 27.70 4.46
N THR C 21 -3.73 28.41 4.63
CA THR C 21 -3.95 29.28 5.79
C THR C 21 -4.07 28.44 7.07
N LEU C 22 -4.91 27.39 7.03
CA LEU C 22 -5.12 26.52 8.18
C LEU C 22 -3.85 25.77 8.56
N TRP C 23 -3.07 25.31 7.57
CA TRP C 23 -1.85 24.53 7.79
C TRP C 23 -0.79 25.28 8.56
N LYS C 24 -0.64 26.58 8.30
CA LYS C 24 0.38 27.41 8.95
C LYS C 24 -0.03 27.87 10.35
N HIS C 25 -1.32 27.78 10.70
CA HIS C 25 -1.84 28.18 12.00
C HIS C 25 -1.14 27.48 13.14
N GLN C 26 -1.01 28.18 14.25
CA GLN C 26 -0.37 27.79 15.50
C GLN C 26 -0.92 26.46 16.07
N PHE C 27 -2.22 26.22 15.89
CA PHE C 27 -2.88 25.04 16.41
C PHE C 27 -3.04 23.88 15.41
N ALA C 28 -2.46 24.01 14.21
CA ALA C 28 -2.60 23.00 13.16
C ALA C 28 -1.85 21.69 13.38
N TRP C 29 -0.67 21.74 13.98
CA TRP C 29 0.19 20.57 14.14
C TRP C 29 -0.49 19.27 14.64
N PRO C 30 -1.41 19.21 15.64
CA PRO C 30 -2.00 17.89 16.00
C PRO C 30 -2.97 17.33 14.94
N PHE C 31 -3.34 18.16 13.94
CA PHE C 31 -4.25 17.83 12.85
C PHE C 31 -3.57 17.66 11.49
N GLN C 32 -2.24 17.67 11.43
CA GLN C 32 -1.52 17.56 10.15
C GLN C 32 -1.26 16.11 9.68
N GLN C 33 -1.51 15.14 10.54
CA GLN C 33 -1.32 13.72 10.29
C GLN C 33 -2.41 12.93 11.06
N PRO C 34 -2.75 11.70 10.64
CA PRO C 34 -3.78 10.94 11.38
C PRO C 34 -3.45 10.79 12.88
N VAL C 35 -4.49 10.66 13.72
CA VAL C 35 -4.30 10.49 15.17
C VAL C 35 -3.54 9.17 15.41
N ASP C 36 -2.35 9.23 16.03
CA ASP C 36 -1.60 8.02 16.33
C ASP C 36 -2.06 7.52 17.70
N ALA C 37 -3.10 6.68 17.70
CA ALA C 37 -3.71 6.11 18.92
C ALA C 37 -2.76 5.24 19.75
N VAL C 38 -1.77 4.61 19.12
CA VAL C 38 -0.79 3.79 19.84
C VAL C 38 0.15 4.72 20.63
N LYS C 39 0.83 5.64 19.95
CA LYS C 39 1.79 6.61 20.46
C LYS C 39 1.18 7.53 21.53
N LEU C 40 -0.06 7.97 21.32
CA LEU C 40 -0.76 8.84 22.25
C LEU C 40 -1.47 8.11 23.39
N ASN C 41 -1.75 6.80 23.20
CA ASN C 41 -2.41 5.93 24.17
C ASN C 41 -3.89 6.19 24.26
N LEU C 42 -4.56 6.14 23.11
CA LEU C 42 -6.01 6.31 23.01
C LEU C 42 -6.52 4.99 22.38
N PRO C 43 -6.57 3.88 23.15
CA PRO C 43 -6.93 2.58 22.52
C PRO C 43 -8.37 2.46 22.01
N ASP C 44 -9.24 3.35 22.48
CA ASP C 44 -10.65 3.40 22.07
C ASP C 44 -10.91 4.37 20.92
N TYR C 45 -9.88 5.11 20.44
CA TYR C 45 -10.05 6.11 19.38
C TYR C 45 -10.66 5.55 18.12
N TYR C 46 -10.09 4.47 17.59
CA TYR C 46 -10.57 3.91 16.33
C TYR C 46 -11.86 3.04 16.47
N LYS C 47 -12.32 2.80 17.71
CA LYS C 47 -13.58 2.13 17.98
C LYS C 47 -14.68 3.22 17.94
N ILE C 48 -14.41 4.41 18.52
CA ILE C 48 -15.38 5.51 18.55
C ILE C 48 -15.45 6.27 17.21
N ILE C 49 -14.27 6.58 16.63
CA ILE C 49 -14.17 7.32 15.39
C ILE C 49 -14.11 6.38 14.20
N LYS C 50 -15.23 6.30 13.46
CA LYS C 50 -15.32 5.37 12.34
C LYS C 50 -14.78 5.94 11.04
N THR C 51 -14.76 7.26 10.89
CA THR C 51 -14.21 7.89 9.68
C THR C 51 -13.15 8.89 10.09
N PRO C 52 -11.93 8.43 10.43
CA PRO C 52 -10.88 9.38 10.82
C PRO C 52 -10.52 10.32 9.68
N MET C 53 -10.21 11.56 10.00
CA MET C 53 -9.85 12.56 9.02
C MET C 53 -8.86 13.58 9.59
N ASP C 54 -7.88 14.01 8.77
CA ASP C 54 -6.86 14.98 9.16
C ASP C 54 -6.48 15.85 7.94
N MET C 55 -5.77 16.97 8.17
CA MET C 55 -5.36 17.86 7.09
C MET C 55 -4.28 17.27 6.17
N GLY C 56 -3.49 16.31 6.67
CA GLY C 56 -2.51 15.62 5.85
C GLY C 56 -3.17 14.79 4.75
N THR C 57 -4.28 14.13 5.10
CA THR C 57 -5.09 13.32 4.19
C THR C 57 -5.81 14.23 3.22
N ILE C 58 -6.37 15.36 3.71
CA ILE C 58 -7.04 16.33 2.83
C ILE C 58 -6.04 16.91 1.80
N LYS C 59 -4.84 17.25 2.25
CA LYS C 59 -3.78 17.77 1.40
C LYS C 59 -3.43 16.75 0.28
N LYS C 60 -3.26 15.48 0.66
CA LYS C 60 -2.94 14.43 -0.29
C LYS C 60 -4.11 14.24 -1.27
N ARG C 61 -5.36 14.34 -0.79
CA ARG C 61 -6.54 14.21 -1.67
C ARG C 61 -6.66 15.36 -2.66
N LEU C 62 -6.33 16.59 -2.23
CA LEU C 62 -6.36 17.77 -3.13
C LEU C 62 -5.23 17.67 -4.16
N GLU C 63 -4.05 17.20 -3.72
CA GLU C 63 -2.89 17.08 -4.60
C GLU C 63 -2.94 15.92 -5.55
N ASN C 64 -3.77 14.90 -5.29
CA ASN C 64 -3.78 13.71 -6.12
C ASN C 64 -5.12 13.39 -6.77
N ASN C 65 -5.90 14.44 -7.05
CA ASN C 65 -7.16 14.40 -7.80
C ASN C 65 -8.24 13.49 -7.22
N TYR C 66 -8.30 13.36 -5.89
CA TYR C 66 -9.29 12.52 -5.26
C TYR C 66 -10.71 13.08 -5.36
N TYR C 67 -10.89 14.36 -5.05
CA TYR C 67 -12.22 14.96 -4.97
C TYR C 67 -12.97 15.16 -6.28
N TRP C 68 -14.24 14.77 -6.25
CA TRP C 68 -15.18 14.97 -7.34
C TRP C 68 -15.54 16.47 -7.41
N ASN C 69 -15.68 17.12 -6.24
CA ASN C 69 -16.08 18.51 -6.14
C ASN C 69 -15.59 19.14 -4.83
N ALA C 70 -15.73 20.48 -4.70
CA ALA C 70 -15.32 21.23 -3.51
C ALA C 70 -16.13 20.85 -2.26
N GLN C 71 -17.39 20.41 -2.45
CA GLN C 71 -18.21 20.02 -1.32
C GLN C 71 -17.71 18.76 -0.62
N GLU C 72 -17.14 17.82 -1.41
CA GLU C 72 -16.57 16.60 -0.87
C GLU C 72 -15.36 16.94 0.02
N CYS C 73 -14.57 17.96 -0.37
CA CYS C 73 -13.42 18.41 0.40
C CYS C 73 -13.87 19.10 1.68
N ILE C 74 -14.87 20.01 1.58
CA ILE C 74 -15.46 20.70 2.73
C ILE C 74 -15.99 19.68 3.75
N GLN C 75 -16.63 18.59 3.28
CA GLN C 75 -17.12 17.55 4.18
C GLN C 75 -16.00 16.88 4.97
N ASP C 76 -14.82 16.72 4.36
CA ASP C 76 -13.67 16.12 5.05
C ASP C 76 -13.16 17.03 6.16
N PHE C 77 -13.18 18.35 5.94
CA PHE C 77 -12.77 19.31 6.98
C PHE C 77 -13.76 19.22 8.15
N ASN C 78 -15.08 19.20 7.86
CA ASN C 78 -16.13 19.08 8.88
C ASN C 78 -16.02 17.77 9.66
N THR C 79 -15.75 16.65 8.98
CA THR C 79 -15.57 15.36 9.65
C THR C 79 -14.38 15.42 10.60
N MET C 80 -13.27 16.06 10.18
CA MET C 80 -12.09 16.22 11.06
C MET C 80 -12.47 16.95 12.36
N PHE C 81 -13.22 18.07 12.25
CA PHE C 81 -13.64 18.87 13.41
C PHE C 81 -14.60 18.10 14.32
N THR C 82 -15.71 17.55 13.76
CA THR C 82 -16.68 16.83 14.57
C THR C 82 -16.09 15.58 15.21
N ASN C 83 -15.12 14.89 14.55
CA ASN C 83 -14.45 13.73 15.18
C ASN C 83 -13.76 14.15 16.48
N CYS C 84 -13.19 15.37 16.50
CA CYS C 84 -12.51 15.93 17.65
C CYS C 84 -13.53 16.23 18.76
N TYR C 85 -14.69 16.76 18.40
CA TYR C 85 -15.72 17.10 19.37
C TYR C 85 -16.35 15.84 19.98
N ILE C 86 -16.50 14.78 19.16
CA ILE C 86 -17.07 13.50 19.59
C ILE C 86 -16.12 12.80 20.54
N TYR C 87 -14.87 12.56 20.13
CA TYR C 87 -13.92 11.82 20.95
C TYR C 87 -13.51 12.54 22.23
N ASN C 88 -13.31 13.86 22.16
CA ASN C 88 -12.82 14.61 23.32
C ASN C 88 -13.94 15.31 24.13
N LYS C 89 -13.60 15.81 25.33
CA LYS C 89 -14.59 16.51 26.16
C LYS C 89 -14.56 18.00 25.87
N PRO C 90 -15.70 18.73 26.01
CA PRO C 90 -15.65 20.19 25.83
C PRO C 90 -14.70 20.82 26.85
N GLY C 91 -14.01 21.88 26.45
CA GLY C 91 -13.05 22.53 27.32
C GLY C 91 -11.65 21.97 27.25
N ASP C 92 -11.47 20.77 26.64
CA ASP C 92 -10.14 20.18 26.44
C ASP C 92 -9.31 21.09 25.53
N ASP C 93 -7.98 21.08 25.68
CA ASP C 93 -7.09 21.90 24.87
C ASP C 93 -7.25 21.59 23.37
N ILE C 94 -7.28 20.30 22.99
CA ILE C 94 -7.43 19.89 21.60
C ILE C 94 -8.76 20.41 21.00
N VAL C 95 -9.83 20.46 21.82
CA VAL C 95 -11.14 20.96 21.37
C VAL C 95 -11.09 22.47 21.13
N LEU C 96 -10.37 23.20 21.99
CA LEU C 96 -10.21 24.64 21.81
C LEU C 96 -9.39 24.95 20.55
N MET C 97 -8.39 24.09 20.24
CA MET C 97 -7.55 24.19 19.04
C MET C 97 -8.40 23.91 17.79
N ALA C 98 -9.24 22.86 17.83
CA ALA C 98 -10.14 22.55 16.72
C ALA C 98 -11.17 23.65 16.49
N GLU C 99 -11.70 24.27 17.56
CA GLU C 99 -12.69 25.34 17.44
C GLU C 99 -12.11 26.59 16.81
N ALA C 100 -10.85 26.90 17.13
CA ALA C 100 -10.16 28.05 16.56
C ALA C 100 -9.93 27.80 15.05
N LEU C 101 -9.50 26.58 14.66
CA LEU C 101 -9.28 26.22 13.27
C LEU C 101 -10.61 26.22 12.51
N GLU C 102 -11.69 25.75 13.15
CA GLU C 102 -13.00 25.74 12.52
C GLU C 102 -13.51 27.15 12.26
N LYS C 103 -13.25 28.08 13.19
CA LYS C 103 -13.69 29.47 13.01
C LYS C 103 -12.94 30.11 11.83
N LEU C 104 -11.62 29.88 11.75
CA LEU C 104 -10.81 30.40 10.65
C LEU C 104 -11.23 29.74 9.32
N PHE C 105 -11.53 28.44 9.36
CA PHE C 105 -12.00 27.68 8.20
C PHE C 105 -13.28 28.28 7.64
N LEU C 106 -14.27 28.56 8.51
CA LEU C 106 -15.54 29.15 8.08
C LEU C 106 -15.37 30.55 7.50
N GLN C 107 -14.39 31.32 8.00
CA GLN C 107 -14.08 32.64 7.47
C GLN C 107 -13.58 32.51 6.03
N LYS C 108 -12.56 31.64 5.78
CA LYS C 108 -11.98 31.45 4.44
C LYS C 108 -12.97 30.84 3.47
N ILE C 109 -13.84 29.95 3.96
CA ILE C 109 -14.86 29.27 3.16
C ILE C 109 -15.98 30.25 2.73
N ASN C 110 -16.20 31.33 3.49
CA ASN C 110 -17.20 32.33 3.11
C ASN C 110 -16.77 33.08 1.82
N GLU C 111 -15.46 33.24 1.60
CA GLU C 111 -14.93 33.90 0.41
C GLU C 111 -14.61 32.96 -0.74
N LEU C 112 -15.16 31.74 -0.73
CA LEU C 112 -14.92 30.76 -1.77
C LEU C 112 -15.62 31.20 -3.07
N PRO C 113 -14.92 31.17 -4.21
CA PRO C 113 -15.56 31.58 -5.48
C PRO C 113 -16.68 30.65 -5.92
C4 QYV D . 2.77 -12.50 -1.98
C5 QYV D . 2.83 -13.21 0.30
C6 QYV D . 0.16 -16.55 0.56
C7 QYV D . 2.44 -17.50 -5.02
C8 QYV D . 2.62 -14.52 -0.05
C10 QYV D . 2.48 -14.80 -1.39
C13 QYV D . 2.79 -17.11 -3.76
C15 QYV D . 1.42 -17.24 2.31
C17 QYV D . 3.56 -15.67 1.82
C20 QYV D . -1.88 -18.02 0.98
C21 QYV D . -3.86 -20.58 2.80
C22 QYV D . 4.75 -16.56 3.71
C24 QYV D . -3.68 -19.37 1.90
C1 QYV D . 0.56 -16.31 -3.33
C2 QYV D . 2.56 -13.81 -2.35
C3 QYV D . 0.20 -16.72 -4.60
C9 QYV D . 1.40 -16.40 1.23
C11 QYV D . 1.88 -16.49 -2.94
C12 QYV D . 1.14 -17.29 -5.43
C14 QYV D . 2.90 -12.21 -0.65
C16 QYV D . -0.55 -17.52 1.25
C18 QYV D . 2.51 -15.56 0.98
C19 QYV D . 2.51 -17.37 3.23
C23 QYV D . 4.61 -10.77 0.93
N25 QYV D . 0.23 -17.91 2.30
N26 QYV D . 3.57 -16.55 2.89
N27 QYV D . -2.36 -18.80 2.00
O28 QYV D . 2.48 -18.13 4.19
O29 QYV D . -2.51 -17.79 -0.04
O30 QYV D . 3.53 -9.76 -1.24
O31 QYV D . 2.13 -10.12 0.84
O32 QYV D . 2.28 -16.14 -1.68
F33 QYV D . 0.81 -17.68 -6.68
F34 QYV D . 4.06 -17.29 -3.38
S35 QYV D . 3.18 -10.53 -0.07
C4 QYV E . 4.33 -11.88 -8.07
C5 QYV E . 4.30 -10.68 -10.16
C6 QYV E . 4.95 -13.89 -13.02
C7 QYV E . 0.21 -15.31 -9.08
C8 QYV E . 3.90 -11.82 -10.82
C10 QYV E . 3.68 -12.97 -10.07
C13 QYV E . 1.20 -14.48 -9.52
C15 QYV E . 4.05 -12.47 -14.54
C17 QYV E . 3.05 -10.69 -12.76
C20 QYV E . 5.87 -15.63 -14.59
C21 QYV E . 6.31 -17.45 -17.80
C22 QYV E . 2.14 -9.31 -14.53
C24 QYV E . 6.69 -17.07 -16.39
C1 QYV E . 2.35 -16.29 -10.49
C2 QYV E . 3.91 -13.01 -8.73
C3 QYV E . 1.35 -17.13 -10.07
C9 QYV E . 4.24 -12.67 -13.21
C11 QYV E . 2.29 -14.95 -10.20
C12 QYV E . 0.29 -16.64 -9.35
C14 QYV E . 4.51 -10.73 -8.81
C16 QYV E . 5.19 -14.41 -14.28
C18 QYV E . 3.72 -11.75 -12.27
C19 QYV E . 3.35 -11.34 -15.09
C23 QYV E . 4.87 -7.96 -9.06
N25 QYV E . 4.64 -13.53 -15.17
N26 QYV E . 2.85 -10.49 -14.12
N27 QYV E . 6.02 -15.86 -15.94
O28 QYV E . 3.19 -11.17 -16.29
O29 QYV E . 6.25 -16.41 -13.74
O30 QYV E . 4.05 -9.21 -6.85
O31 QYV E . 6.45 -9.51 -7.65
O32 QYV E . 3.30 -14.14 -10.70
F33 QYV E . -0.69 -17.47 -8.92
F34 QYV E . 1.11 -13.19 -9.23
S35 QYV E . 5.04 -9.30 -7.90
C4 QYV F . -0.26 14.86 18.72
C5 QYV F . -2.43 14.14 17.90
C6 QYV F . -4.87 13.95 21.44
C7 QYV F . -1.30 18.42 23.04
C8 QYV F . -3.06 14.83 18.89
C10 QYV F . -2.29 15.51 19.80
C13 QYV F . -2.02 17.95 21.95
C15 QYV F . -6.62 14.24 20.03
C17 QYV F . -5.20 15.07 17.89
C20 QYV F . -6.15 13.16 23.49
C21 QYV F . -9.14 12.82 25.65
C22 QYV F . -7.23 15.32 16.59
C24 QYV F . -7.73 12.51 25.22
C1 QYV F . -1.89 15.69 22.77
C2 QYV F . -0.91 15.55 19.70
C3 QYV F . -1.17 16.15 23.85
C9 QYV F . -5.25 14.33 20.13
C11 QYV F . -2.29 16.61 21.83
C12 QYV F . -0.88 17.49 23.97
C14 QYV F . -1.05 14.16 17.83
C16 QYV F . -6.02 13.62 22.13
C18 QYV F . -4.51 14.76 18.99
C19 QYV F . -7.37 14.54 18.86
C23 QYV F . -1.44 13.37 15.22
N25 QYV F . -7.05 13.81 21.26
N26 QYV F . -6.58 15.01 17.83
N27 QYV F . -7.46 12.94 23.86
O28 QYV F . -8.58 14.42 18.79
O29 QYV F . -5.20 13.01 24.24
O30 QYV F . 0.92 14.02 16.22
O31 QYV F . -0.20 11.84 16.88
O32 QYV F . -3.01 16.20 20.75
F33 QYV F . -0.18 17.90 25.05
F34 QYV F . -2.45 18.80 21.00
S35 QYV F . -0.26 13.25 16.53
#